data_7SSE
#
_entry.id   7SSE
#
_cell.length_a   48.956
_cell.length_b   87.919
_cell.length_c   73.878
_cell.angle_alpha   90.000
_cell.angle_beta   98.720
_cell.angle_gamma   90.000
#
_symmetry.space_group_name_H-M   'P 1 21 1'
#
loop_
_entity.id
_entity.type
_entity.pdbx_description
1 polymer 'DDB1- and CUL4-associated factor 1'
2 non-polymer N-[(3R)-1-(3-fluorophenyl)piperidin-3-yl]-6-(morpholin-4-yl)pyrimidin-4-amine
3 water water
#
_entity_poly.entity_id   1
_entity_poly.type   'polypeptide(L)'
_entity_poly.pdbx_seq_one_letter_code
;GASAFRPISVFREANEDESGFTCCAFSARERFLMLGTCTGQLKLYNVFSGQEEASYNCHNSAITHLEPSRDGSLLLTSAT
WSQPLSALWGMKSVFDMKHSFTEDHYVEFSKHSQDRVIGTKGDIAHIYDIQTGNKLLTLFNPDLANNYKRNCATFNPTDD
LVLNDGVLWDVRSAQAIHKFDKFNMNISGVFHPNGLEVIINTEIWDLRTFHLLHTVPALDQCRVVFNHTGTVMYGAMLQA
DDEDDLMEERMKSPFGSSFRTFNATDYKPIATIDVKRNIFDLCTDTKDCYLAVIENQGSMDALNMDTVCRLYEVG
;
_entity_poly.pdbx_strand_id   A,B
#
loop_
_chem_comp.id
_chem_comp.type
_chem_comp.name
_chem_comp.formula
B1I non-polymer N-[(3R)-1-(3-fluorophenyl)piperidin-3-yl]-6-(morpholin-4-yl)pyrimidin-4-amine 'C19 H24 F N5 O'
#
# COMPACT_ATOMS: atom_id res chain seq x y z
N ALA A 4 10.19 -13.48 -1.81
CA ALA A 4 11.54 -13.54 -1.18
C ALA A 4 11.82 -12.21 -0.45
N PHE A 5 12.36 -12.31 0.78
CA PHE A 5 12.91 -11.18 1.57
C PHE A 5 14.38 -10.98 1.18
N ARG A 6 14.67 -9.94 0.40
CA ARG A 6 16.02 -9.64 -0.11
C ARG A 6 16.67 -8.55 0.74
N PRO A 7 17.76 -8.87 1.49
CA PRO A 7 18.50 -7.86 2.24
C PRO A 7 19.02 -6.75 1.33
N ILE A 8 18.70 -5.51 1.69
CA ILE A 8 18.98 -4.25 0.95
C ILE A 8 20.09 -3.49 1.69
N SER A 9 20.00 -3.42 3.02
CA SER A 9 20.92 -2.56 3.80
CA SER A 9 20.81 -2.49 3.83
C SER A 9 21.01 -3.06 5.24
N VAL A 10 22.09 -2.69 5.89
CA VAL A 10 22.29 -2.95 7.35
C VAL A 10 23.00 -1.73 7.92
N PHE A 11 22.66 -1.35 9.13
CA PHE A 11 23.37 -0.25 9.81
C PHE A 11 23.20 -0.39 11.32
N ARG A 12 24.14 0.21 12.03
CA ARG A 12 24.20 0.21 13.50
C ARG A 12 24.03 1.64 14.00
N GLU A 13 23.93 1.81 15.31
CA GLU A 13 23.87 3.14 15.96
C GLU A 13 25.24 3.82 15.78
N ALA A 14 25.28 4.88 14.97
CA ALA A 14 26.51 5.57 14.49
C ALA A 14 27.42 5.97 15.65
N ASN A 15 28.67 5.51 15.63
CA ASN A 15 29.79 6.00 16.49
C ASN A 15 29.75 5.38 17.89
N GLU A 16 28.66 4.68 18.26
CA GLU A 16 28.52 4.04 19.59
C GLU A 16 29.43 2.80 19.67
N ASP A 17 30.13 2.61 20.78
CA ASP A 17 30.94 1.39 21.05
C ASP A 17 30.02 0.17 20.86
N GLU A 18 28.90 0.15 21.57
CA GLU A 18 27.87 -0.90 21.44
C GLU A 18 26.57 -0.27 20.93
N SER A 19 26.09 -0.76 19.80
CA SER A 19 24.85 -0.28 19.14
C SER A 19 23.64 -0.71 19.98
N GLY A 20 22.74 0.22 20.26
CA GLY A 20 21.63 0.04 21.23
C GLY A 20 20.25 0.18 20.61
N PHE A 21 20.08 0.05 19.29
CA PHE A 21 18.71 0.06 18.72
C PHE A 21 17.85 -1.00 19.41
N THR A 22 16.63 -0.64 19.81
CA THR A 22 15.69 -1.57 20.50
C THR A 22 14.36 -1.69 19.77
N CYS A 23 13.98 -0.69 18.98
CA CYS A 23 12.65 -0.70 18.31
C CYS A 23 12.70 0.22 17.10
N CYS A 24 11.72 0.09 16.21
CA CYS A 24 11.71 0.93 15.00
C CYS A 24 10.30 1.10 14.46
N ALA A 25 10.11 2.21 13.74
CA ALA A 25 8.89 2.47 12.95
C ALA A 25 9.27 3.42 11.83
N PHE A 26 8.75 3.18 10.64
CA PHE A 26 8.93 4.11 9.50
C PHE A 26 8.25 5.44 9.81
N SER A 27 8.90 6.53 9.44
CA SER A 27 8.31 7.89 9.52
C SER A 27 7.27 8.04 8.41
N ALA A 28 6.48 9.12 8.49
CA ALA A 28 5.60 9.60 7.40
C ALA A 28 6.45 10.00 6.18
N ARG A 29 7.76 10.26 6.37
CA ARG A 29 8.74 10.56 5.31
C ARG A 29 9.34 9.24 4.79
N GLU A 30 9.38 9.05 3.47
CA GLU A 30 9.49 7.75 2.75
C GLU A 30 10.71 6.92 3.19
N ARG A 31 11.92 7.51 3.15
CA ARG A 31 13.22 6.80 3.29
C ARG A 31 13.80 6.96 4.70
N PHE A 32 12.99 7.38 5.67
CA PHE A 32 13.43 7.68 7.07
C PHE A 32 12.76 6.74 8.06
N LEU A 33 13.60 6.06 8.83
CA LEU A 33 13.18 5.13 9.90
C LEU A 33 13.42 5.81 11.24
N MET A 34 12.48 5.71 12.16
CA MET A 34 12.66 6.15 13.55
C MET A 34 13.06 4.93 14.37
N LEU A 35 14.09 5.08 15.20
CA LEU A 35 14.59 3.99 16.07
C LEU A 35 14.68 4.48 17.51
N GLY A 36 14.24 3.64 18.43
CA GLY A 36 14.48 3.86 19.86
C GLY A 36 15.74 3.13 20.28
N THR A 37 16.39 3.58 21.36
CA THR A 37 17.64 2.97 21.84
C THR A 37 17.55 2.57 23.31
N CYS A 38 18.50 1.74 23.73
CA CYS A 38 18.52 1.15 25.09
C CYS A 38 18.91 2.22 26.11
N THR A 39 19.36 3.41 25.67
CA THR A 39 19.68 4.56 26.57
C THR A 39 18.58 5.64 26.54
N GLY A 40 17.44 5.40 25.86
CA GLY A 40 16.26 6.26 25.93
C GLY A 40 16.21 7.33 24.85
N GLN A 41 17.05 7.22 23.81
CA GLN A 41 17.05 8.21 22.70
C GLN A 41 16.18 7.73 21.56
N LEU A 42 15.61 8.70 20.84
CA LEU A 42 14.90 8.52 19.54
C LEU A 42 15.85 8.97 18.44
N LYS A 43 16.14 8.09 17.48
CA LYS A 43 17.01 8.41 16.32
C LYS A 43 16.21 8.43 15.02
N LEU A 44 16.50 9.36 14.11
CA LEU A 44 15.99 9.33 12.72
C LEU A 44 17.15 8.93 11.81
N TYR A 45 16.99 7.86 11.06
CA TYR A 45 18.03 7.34 10.13
C TYR A 45 17.49 7.37 8.70
N ASN A 46 18.37 7.63 7.74
CA ASN A 46 18.17 7.26 6.33
C ASN A 46 18.36 5.74 6.24
N VAL A 47 17.30 5.00 5.93
CA VAL A 47 17.28 3.51 6.05
C VAL A 47 18.10 2.88 4.91
N PHE A 48 18.35 3.62 3.83
CA PHE A 48 19.12 3.15 2.66
C PHE A 48 20.61 3.41 2.82
N SER A 49 21.00 4.61 3.29
CA SER A 49 22.42 5.02 3.48
C SER A 49 22.93 4.56 4.84
N GLY A 50 22.01 4.30 5.78
CA GLY A 50 22.34 3.96 7.18
C GLY A 50 22.87 5.15 7.97
N GLN A 51 22.71 6.37 7.46
CA GLN A 51 23.30 7.56 8.12
C GLN A 51 22.29 8.12 9.13
N GLU A 52 22.77 8.50 10.30
CA GLU A 52 21.93 9.18 11.32
C GLU A 52 21.64 10.61 10.84
N GLU A 53 20.39 11.07 10.98
CA GLU A 53 20.00 12.45 10.61
C GLU A 53 19.75 13.28 11.89
N ALA A 54 19.02 12.72 12.85
CA ALA A 54 18.58 13.45 14.06
C ALA A 54 18.56 12.53 15.28
N SER A 55 18.73 13.12 16.46
CA SER A 55 18.67 12.42 17.76
C SER A 55 17.94 13.30 18.78
N TYR A 56 17.07 12.68 19.58
CA TYR A 56 16.27 13.33 20.64
C TYR A 56 16.32 12.49 21.91
N ASN A 57 16.34 13.16 23.05
CA ASN A 57 16.38 12.50 24.38
C ASN A 57 14.94 12.38 24.87
N CYS A 58 14.43 11.15 24.98
CA CYS A 58 12.99 10.89 25.31
C CYS A 58 12.84 10.30 26.73
N HIS A 59 13.68 9.34 27.12
CA HIS A 59 13.55 8.60 28.40
C HIS A 59 14.92 8.36 29.03
N ASN A 60 14.95 8.00 30.32
CA ASN A 60 16.21 7.67 31.06
C ASN A 60 16.38 6.15 31.13
N SER A 61 15.57 5.38 30.41
CA SER A 61 15.70 3.91 30.27
C SER A 61 15.36 3.49 28.83
N ALA A 62 15.61 2.22 28.49
CA ALA A 62 15.46 1.65 27.13
C ALA A 62 14.07 1.95 26.57
N ILE A 63 13.99 2.45 25.34
CA ILE A 63 12.71 2.58 24.58
C ILE A 63 12.31 1.17 24.11
N THR A 64 11.08 0.75 24.41
CA THR A 64 10.56 -0.60 24.06
C THR A 64 9.68 -0.52 22.80
N HIS A 65 9.03 0.62 22.57
CA HIS A 65 8.05 0.74 21.46
C HIS A 65 7.91 2.19 21.07
N LEU A 66 7.70 2.45 19.79
CA LEU A 66 7.31 3.80 19.35
C LEU A 66 6.28 3.68 18.23
N GLU A 67 5.43 4.69 18.08
CA GLU A 67 4.39 4.72 17.04
C GLU A 67 4.22 6.17 16.60
N PRO A 68 4.63 6.49 15.36
CA PRO A 68 4.35 7.80 14.78
C PRO A 68 2.88 7.85 14.32
N SER A 69 2.24 9.02 14.47
CA SER A 69 0.90 9.26 13.89
C SER A 69 1.02 9.31 12.36
N ARG A 70 -0.04 8.93 11.65
CA ARG A 70 -0.09 8.89 10.17
C ARG A 70 0.18 10.29 9.57
N ASP A 71 -0.20 11.37 10.27
CA ASP A 71 -0.13 12.77 9.77
C ASP A 71 1.25 13.37 10.03
N GLY A 72 2.14 12.65 10.71
CA GLY A 72 3.55 13.07 10.92
C GLY A 72 3.72 14.05 12.08
N SER A 73 2.63 14.41 12.77
CA SER A 73 2.61 15.48 13.79
C SER A 73 2.93 14.94 15.20
N LEU A 74 2.68 13.66 15.47
CA LEU A 74 2.76 13.12 16.85
C LEU A 74 3.52 11.78 16.88
N LEU A 75 4.13 11.48 18.03
CA LEU A 75 4.84 10.21 18.29
C LEU A 75 4.52 9.71 19.70
N LEU A 76 4.17 8.43 19.82
CA LEU A 76 4.10 7.73 21.13
C LEU A 76 5.42 6.98 21.36
N THR A 77 5.93 7.03 22.59
CA THR A 77 7.08 6.23 23.05
C THR A 77 6.72 5.54 24.37
N SER A 78 7.31 4.37 24.61
CA SER A 78 7.25 3.64 25.89
C SER A 78 8.68 3.23 26.26
N ALA A 79 9.02 3.34 27.54
CA ALA A 79 10.34 2.92 28.08
C ALA A 79 10.11 1.83 29.12
N THR A 80 11.21 1.34 29.73
N THR A 80 11.20 1.34 29.72
CA THR A 80 11.25 0.08 30.50
CA THR A 80 11.22 0.08 30.51
C THR A 80 10.89 0.35 31.97
C THR A 80 10.87 0.37 31.97
N TRP A 81 11.62 1.25 32.63
CA TRP A 81 11.43 1.58 34.07
C TRP A 81 11.70 3.06 34.31
N SER A 82 11.31 3.91 33.36
CA SER A 82 11.33 5.38 33.48
C SER A 82 10.02 5.85 34.12
N GLN A 83 9.95 7.12 34.51
CA GLN A 83 8.74 7.78 35.05
C GLN A 83 8.68 9.18 34.41
N PRO A 84 7.82 9.42 33.40
CA PRO A 84 6.77 8.49 32.99
C PRO A 84 7.19 7.34 32.06
N LEU A 85 6.47 6.22 32.12
CA LEU A 85 6.78 5.00 31.31
C LEU A 85 6.49 5.25 29.82
N SER A 86 5.42 5.99 29.50
CA SER A 86 5.03 6.29 28.10
C SER A 86 4.75 7.78 27.97
N ALA A 87 4.91 8.32 26.76
CA ALA A 87 4.74 9.77 26.49
C ALA A 87 4.31 10.00 25.05
N LEU A 88 3.68 11.14 24.82
CA LEU A 88 3.26 11.67 23.51
C LEU A 88 4.12 12.90 23.22
N TRP A 89 4.73 12.91 22.04
CA TRP A 89 5.67 13.98 21.57
C TRP A 89 5.09 14.66 20.34
N GLY A 90 5.21 15.99 20.27
CA GLY A 90 4.97 16.77 19.05
C GLY A 90 6.21 16.79 18.18
N MET A 91 6.02 16.69 16.86
CA MET A 91 7.13 16.68 15.87
C MET A 91 6.90 17.74 14.79
N LYS A 92 6.02 18.73 15.04
CA LYS A 92 5.65 19.79 14.05
C LYS A 92 6.88 20.68 13.80
N SER A 93 7.17 21.60 14.72
CA SER A 93 8.36 22.48 14.69
C SER A 93 9.41 21.95 15.68
N VAL A 94 9.32 22.36 16.95
CA VAL A 94 10.22 21.91 18.05
C VAL A 94 9.72 20.54 18.55
N PHE A 95 10.61 19.56 18.69
CA PHE A 95 10.32 18.24 19.30
C PHE A 95 10.11 18.43 20.80
N ASP A 96 8.88 18.27 21.26
CA ASP A 96 8.45 18.60 22.65
C ASP A 96 7.50 17.51 23.17
N MET A 97 7.58 17.21 24.48
CA MET A 97 6.62 16.30 25.14
C MET A 97 5.29 17.06 25.29
N LYS A 98 4.20 16.49 24.74
CA LYS A 98 2.83 17.04 24.86
C LYS A 98 2.20 16.53 26.16
N HIS A 99 2.18 15.21 26.35
CA HIS A 99 1.54 14.54 27.52
C HIS A 99 2.36 13.32 27.91
N SER A 100 2.26 12.89 29.16
CA SER A 100 2.85 11.63 29.68
C SER A 100 1.74 10.70 30.12
N PHE A 101 2.02 9.39 30.07
CA PHE A 101 1.10 8.32 30.53
C PHE A 101 1.91 7.51 31.56
N THR A 102 1.87 7.98 32.81
CA THR A 102 2.82 7.65 33.91
C THR A 102 3.00 6.14 34.05
N GLU A 103 1.90 5.38 34.09
CA GLU A 103 1.86 3.98 34.59
C GLU A 103 1.79 2.98 33.44
N ASP A 104 1.56 3.42 32.20
CA ASP A 104 1.32 2.52 31.04
C ASP A 104 2.66 2.10 30.41
N HIS A 105 2.95 0.79 30.34
N HIS A 105 2.92 0.79 30.35
CA HIS A 105 4.21 0.23 29.77
CA HIS A 105 4.15 0.16 29.79
C HIS A 105 4.09 0.07 28.25
C HIS A 105 4.10 0.16 28.26
N TYR A 106 2.91 0.35 27.69
CA TYR A 106 2.64 0.25 26.24
C TYR A 106 1.50 1.20 25.90
N VAL A 107 1.61 1.89 24.77
CA VAL A 107 0.57 2.84 24.28
C VAL A 107 0.47 2.71 22.76
N GLU A 108 -0.74 2.88 22.22
CA GLU A 108 -0.90 3.05 20.75
C GLU A 108 -2.05 4.01 20.49
N PHE A 109 -2.09 4.54 19.27
CA PHE A 109 -3.17 5.45 18.80
C PHE A 109 -4.44 4.66 18.50
N SER A 110 -5.58 5.35 18.59
CA SER A 110 -6.85 4.91 17.97
C SER A 110 -6.60 4.79 16.45
N LYS A 111 -7.45 4.09 15.72
CA LYS A 111 -7.11 3.60 14.36
C LYS A 111 -7.75 4.47 13.27
N HIS A 112 -9.07 4.67 13.30
CA HIS A 112 -9.80 5.43 12.24
C HIS A 112 -9.40 6.90 12.30
N SER A 113 -9.69 7.55 13.42
CA SER A 113 -9.23 8.92 13.78
C SER A 113 -8.25 8.76 14.95
N GLN A 114 -7.03 9.30 14.81
CA GLN A 114 -5.97 9.15 15.83
C GLN A 114 -6.10 10.32 16.82
N ASP A 115 -7.26 10.41 17.50
CA ASP A 115 -7.58 11.49 18.48
C ASP A 115 -7.46 10.94 19.90
N ARG A 116 -7.24 9.64 20.07
CA ARG A 116 -7.07 9.04 21.41
C ARG A 116 -5.84 8.13 21.45
N VAL A 117 -5.37 7.90 22.66
CA VAL A 117 -4.27 6.94 23.00
C VAL A 117 -4.88 5.89 23.91
N ILE A 118 -4.53 4.63 23.67
CA ILE A 118 -4.91 3.52 24.59
C ILE A 118 -3.61 2.97 25.16
N GLY A 119 -3.51 2.98 26.49
CA GLY A 119 -2.33 2.50 27.23
C GLY A 119 -2.68 1.25 28.00
N THR A 120 -1.69 0.40 28.22
CA THR A 120 -1.83 -0.86 28.98
C THR A 120 -0.97 -0.81 30.22
N LYS A 121 -1.54 -1.12 31.39
CA LYS A 121 -0.80 -1.41 32.63
C LYS A 121 -1.24 -2.79 33.12
N GLY A 122 -0.40 -3.80 32.95
CA GLY A 122 -0.77 -5.21 33.21
C GLY A 122 -2.08 -5.55 32.53
N ASP A 123 -3.12 -5.88 33.32
CA ASP A 123 -4.44 -6.33 32.82
C ASP A 123 -5.39 -5.14 32.59
N ILE A 124 -4.95 -3.90 32.80
CA ILE A 124 -5.80 -2.67 32.82
C ILE A 124 -5.57 -1.88 31.53
N ALA A 125 -6.62 -1.41 30.86
CA ALA A 125 -6.50 -0.45 29.75
C ALA A 125 -6.92 0.94 30.22
N HIS A 126 -6.16 1.97 29.79
CA HIS A 126 -6.48 3.40 29.97
C HIS A 126 -6.66 4.05 28.60
N ILE A 127 -7.76 4.78 28.40
CA ILE A 127 -7.99 5.58 27.17
C ILE A 127 -7.81 7.06 27.54
N TYR A 128 -7.02 7.77 26.74
CA TYR A 128 -6.64 9.18 26.95
C TYR A 128 -7.03 10.01 25.71
N ASP A 129 -7.40 11.29 25.95
CA ASP A 129 -7.59 12.32 24.89
C ASP A 129 -6.23 12.89 24.50
N ILE A 130 -5.96 13.01 23.20
CA ILE A 130 -4.64 13.52 22.71
C ILE A 130 -4.53 15.01 23.03
N GLN A 131 -5.59 15.79 22.81
CA GLN A 131 -5.59 17.26 23.03
C GLN A 131 -5.30 17.58 24.50
N THR A 132 -6.07 17.02 25.43
CA THR A 132 -6.03 17.37 26.88
C THR A 132 -5.02 16.50 27.63
N GLY A 133 -4.79 15.25 27.17
CA GLY A 133 -3.99 14.24 27.90
C GLY A 133 -4.82 13.55 28.97
N ASN A 134 -6.08 13.96 29.13
CA ASN A 134 -6.96 13.51 30.23
C ASN A 134 -7.32 12.03 30.04
N LYS A 135 -7.21 11.24 31.12
CA LYS A 135 -7.70 9.84 31.16
C LYS A 135 -9.22 9.87 31.08
N LEU A 136 -9.78 9.36 29.99
CA LEU A 136 -11.25 9.31 29.73
C LEU A 136 -11.85 8.07 30.39
N LEU A 137 -11.18 6.92 30.29
CA LEU A 137 -11.73 5.60 30.69
C LEU A 137 -10.63 4.72 31.28
N THR A 138 -10.97 3.95 32.31
CA THR A 138 -10.21 2.80 32.84
C THR A 138 -11.05 1.55 32.55
N LEU A 139 -10.51 0.62 31.76
CA LEU A 139 -11.22 -0.64 31.39
C LEU A 139 -10.59 -1.81 32.15
N PHE A 140 -11.35 -2.32 33.12
CA PHE A 140 -11.01 -3.55 33.86
C PHE A 140 -12.30 -4.09 34.47
N ASN A 141 -12.59 -5.36 34.20
CA ASN A 141 -13.76 -6.11 34.74
C ASN A 141 -13.19 -7.27 35.54
N PRO A 142 -13.30 -7.26 36.88
CA PRO A 142 -12.68 -8.30 37.69
C PRO A 142 -13.25 -9.70 37.42
N ASP A 143 -14.52 -9.78 36.96
CA ASP A 143 -15.22 -11.05 36.64
C ASP A 143 -14.70 -11.66 35.32
N LEU A 144 -14.19 -10.86 34.39
CA LEU A 144 -13.92 -11.32 32.99
C LEU A 144 -12.42 -11.37 32.67
N ALA A 145 -11.56 -10.93 33.59
CA ALA A 145 -10.10 -10.84 33.36
C ALA A 145 -9.52 -12.21 32.99
N ASN A 146 -8.55 -12.23 32.07
CA ASN A 146 -7.78 -13.42 31.66
C ASN A 146 -6.36 -13.36 32.21
N ASN A 147 -5.91 -12.19 32.67
CA ASN A 147 -4.57 -12.04 33.32
C ASN A 147 -3.45 -12.44 32.34
N TYR A 148 -3.56 -12.09 31.05
CA TYR A 148 -2.51 -12.35 30.04
C TYR A 148 -1.22 -11.62 30.43
N LYS A 149 -0.08 -12.33 30.42
CA LYS A 149 1.23 -11.81 30.89
C LYS A 149 1.77 -10.76 29.91
N ARG A 150 1.42 -10.86 28.62
CA ARG A 150 1.85 -9.90 27.58
C ARG A 150 0.64 -9.13 27.04
N ASN A 151 -0.30 -8.78 27.93
CA ASN A 151 -1.52 -8.05 27.54
C ASN A 151 -1.14 -6.73 26.86
N CYS A 152 -1.87 -6.41 25.79
N CYS A 152 -1.73 -6.45 25.68
CA CYS A 152 -1.68 -5.20 24.95
CA CYS A 152 -1.66 -5.15 24.97
C CYS A 152 -3.05 -4.72 24.44
C CYS A 152 -3.06 -4.77 24.51
N ALA A 153 -3.63 -3.71 25.08
CA ALA A 153 -4.99 -3.23 24.75
C ALA A 153 -4.95 -2.49 23.41
N THR A 154 -6.01 -2.62 22.62
CA THR A 154 -6.05 -2.12 21.22
C THR A 154 -7.48 -1.71 20.83
N PHE A 155 -7.62 -0.66 20.02
CA PHE A 155 -8.90 -0.31 19.35
C PHE A 155 -9.10 -1.18 18.11
N ASN A 156 -10.35 -1.39 17.72
CA ASN A 156 -10.70 -2.01 16.40
C ASN A 156 -10.61 -0.92 15.34
N PRO A 157 -10.70 -1.29 14.04
CA PRO A 157 -10.47 -0.35 12.94
C PRO A 157 -11.36 0.91 12.96
N THR A 158 -12.57 0.81 13.53
CA THR A 158 -13.56 1.92 13.56
C THR A 158 -13.56 2.61 14.93
N ASP A 159 -12.75 2.13 15.89
CA ASP A 159 -12.55 2.74 17.23
C ASP A 159 -13.82 2.57 18.10
N ASP A 160 -14.78 1.75 17.66
CA ASP A 160 -16.04 1.46 18.42
C ASP A 160 -15.76 0.50 19.57
N LEU A 161 -14.79 -0.41 19.37
CA LEU A 161 -14.52 -1.53 20.30
C LEU A 161 -13.06 -1.46 20.77
N VAL A 162 -12.80 -2.01 21.94
CA VAL A 162 -11.43 -2.21 22.47
C VAL A 162 -11.31 -3.68 22.87
N LEU A 163 -10.17 -4.28 22.55
CA LEU A 163 -9.82 -5.61 23.07
C LEU A 163 -8.79 -5.40 24.18
N ASN A 164 -9.11 -5.81 25.40
CA ASN A 164 -8.19 -5.70 26.56
C ASN A 164 -8.21 -7.01 27.32
N ASP A 165 -7.06 -7.69 27.42
CA ASP A 165 -6.92 -8.93 28.21
C ASP A 165 -7.98 -9.96 27.74
N GLY A 166 -8.21 -10.04 26.43
CA GLY A 166 -9.13 -11.00 25.79
C GLY A 166 -10.58 -10.67 26.05
N VAL A 167 -10.89 -9.45 26.49
CA VAL A 167 -12.26 -8.96 26.74
C VAL A 167 -12.58 -7.88 25.70
N LEU A 168 -13.74 -8.02 25.04
CA LEU A 168 -14.25 -7.04 24.07
C LEU A 168 -15.06 -5.99 24.83
N TRP A 169 -14.73 -4.71 24.65
CA TRP A 169 -15.39 -3.56 25.33
C TRP A 169 -16.12 -2.70 24.30
N ASP A 170 -17.34 -2.25 24.61
CA ASP A 170 -17.99 -1.15 23.86
C ASP A 170 -17.51 0.18 24.45
N VAL A 171 -16.76 0.96 23.67
CA VAL A 171 -16.06 2.19 24.13
C VAL A 171 -17.10 3.24 24.58
N ARG A 172 -18.17 3.42 23.82
CA ARG A 172 -19.22 4.45 24.11
C ARG A 172 -19.86 4.20 25.47
N SER A 173 -20.23 2.96 25.77
CA SER A 173 -20.91 2.54 27.04
C SER A 173 -19.87 2.22 28.11
N ALA A 174 -18.63 1.94 27.69
CA ALA A 174 -17.52 1.51 28.57
C ALA A 174 -17.91 0.23 29.30
N GLN A 175 -18.62 -0.68 28.62
CA GLN A 175 -19.07 -1.98 29.19
C GLN A 175 -18.42 -3.14 28.43
N ALA A 176 -17.98 -4.15 29.18
CA ALA A 176 -17.52 -5.44 28.59
C ALA A 176 -18.71 -6.11 27.91
N ILE A 177 -18.58 -6.47 26.63
CA ILE A 177 -19.70 -7.10 25.86
C ILE A 177 -19.42 -8.60 25.67
N HIS A 178 -18.16 -9.03 25.73
CA HIS A 178 -17.82 -10.47 25.60
C HIS A 178 -16.42 -10.73 26.14
N LYS A 179 -16.27 -11.83 26.88
CA LYS A 179 -14.95 -12.41 27.25
C LYS A 179 -14.68 -13.61 26.35
N PHE A 180 -13.54 -13.59 25.66
CA PHE A 180 -13.01 -14.75 24.88
C PHE A 180 -12.28 -15.67 25.86
N ASP A 181 -12.59 -16.97 25.79
CA ASP A 181 -12.03 -17.99 26.71
C ASP A 181 -10.52 -18.09 26.52
N LYS A 182 -9.81 -18.43 27.58
CA LYS A 182 -8.32 -18.40 27.65
C LYS A 182 -7.74 -19.75 27.23
N PHE A 183 -6.75 -19.73 26.33
CA PHE A 183 -6.08 -20.93 25.77
C PHE A 183 -4.56 -20.86 25.97
N ASN A 184 -4.04 -19.72 26.43
CA ASN A 184 -2.57 -19.52 26.61
C ASN A 184 -2.35 -18.49 27.72
N MET A 185 -1.11 -18.34 28.17
CA MET A 185 -0.72 -17.55 29.36
C MET A 185 -0.35 -16.10 28.98
N ASN A 186 0.07 -15.85 27.74
CA ASN A 186 0.85 -14.64 27.38
C ASN A 186 0.09 -13.72 26.43
N ILE A 187 -0.31 -14.25 25.27
CA ILE A 187 -0.78 -13.45 24.08
C ILE A 187 -2.27 -13.11 24.22
N SER A 188 -2.61 -11.82 24.13
CA SER A 188 -3.96 -11.25 24.42
C SER A 188 -4.72 -10.98 23.11
N GLY A 189 -4.02 -10.74 22.00
CA GLY A 189 -4.65 -10.71 20.66
C GLY A 189 -4.86 -9.33 20.05
N VAL A 190 -5.29 -9.34 18.80
CA VAL A 190 -5.43 -8.12 17.95
C VAL A 190 -6.70 -8.27 17.13
N PHE A 191 -7.19 -7.16 16.59
CA PHE A 191 -8.27 -7.18 15.59
C PHE A 191 -7.66 -7.41 14.20
N HIS A 192 -8.35 -8.21 13.40
CA HIS A 192 -8.09 -8.29 11.94
C HIS A 192 -8.47 -6.93 11.35
N PRO A 193 -7.62 -6.35 10.46
CA PRO A 193 -7.98 -5.08 9.84
C PRO A 193 -9.31 -5.11 9.05
N ASN A 194 -9.86 -6.28 8.73
CA ASN A 194 -11.16 -6.37 8.01
C ASN A 194 -12.31 -6.01 8.96
N GLY A 195 -12.05 -5.93 10.27
CA GLY A 195 -13.06 -5.51 11.27
C GLY A 195 -14.06 -6.61 11.61
N LEU A 196 -13.84 -7.84 11.12
CA LEU A 196 -14.82 -8.96 11.24
C LEU A 196 -14.31 -10.04 12.19
N GLU A 197 -13.01 -10.06 12.47
CA GLU A 197 -12.33 -11.20 13.16
C GLU A 197 -11.42 -10.66 14.28
N VAL A 198 -11.24 -11.46 15.32
CA VAL A 198 -10.32 -11.20 16.46
C VAL A 198 -9.34 -12.36 16.48
N ILE A 199 -8.04 -12.07 16.52
CA ILE A 199 -6.95 -13.09 16.50
C ILE A 199 -6.31 -13.09 17.89
N ILE A 200 -6.57 -14.14 18.68
CA ILE A 200 -6.00 -14.27 20.06
C ILE A 200 -5.11 -15.51 20.11
N ASN A 201 -3.82 -15.31 19.92
CA ASN A 201 -2.82 -16.41 19.84
C ASN A 201 -3.25 -17.31 18.67
N THR A 202 -3.53 -18.60 18.90
CA THR A 202 -3.83 -19.58 17.83
C THR A 202 -5.30 -19.52 17.43
N GLU A 203 -6.15 -18.78 18.16
CA GLU A 203 -7.62 -18.75 17.95
C GLU A 203 -8.01 -17.55 17.09
N ILE A 204 -8.81 -17.80 16.05
CA ILE A 204 -9.47 -16.77 15.19
C ILE A 204 -10.97 -16.78 15.53
N TRP A 205 -11.46 -15.70 16.13
CA TRP A 205 -12.87 -15.57 16.58
C TRP A 205 -13.64 -14.71 15.57
N ASP A 206 -14.91 -15.06 15.34
CA ASP A 206 -15.86 -14.23 14.57
C ASP A 206 -16.38 -13.15 15.52
N LEU A 207 -16.31 -11.88 15.10
CA LEU A 207 -16.69 -10.73 15.95
C LEU A 207 -18.23 -10.65 16.07
N ARG A 208 -18.96 -11.13 15.06
CA ARG A 208 -20.44 -11.15 15.04
C ARG A 208 -20.94 -12.20 16.05
N THR A 209 -20.65 -13.48 15.78
CA THR A 209 -21.22 -14.66 16.47
C THR A 209 -20.41 -15.00 17.74
N PHE A 210 -19.17 -14.52 17.83
CA PHE A 210 -18.16 -14.92 18.86
C PHE A 210 -17.80 -16.41 18.72
N HIS A 211 -18.10 -17.05 17.58
CA HIS A 211 -17.74 -18.46 17.31
C HIS A 211 -16.26 -18.55 16.94
N LEU A 212 -15.64 -19.70 17.24
CA LEU A 212 -14.26 -20.02 16.79
C LEU A 212 -14.30 -20.35 15.29
N LEU A 213 -13.58 -19.58 14.47
CA LEU A 213 -13.54 -19.74 13.00
C LEU A 213 -12.43 -20.71 12.61
N HIS A 214 -11.25 -20.55 13.20
CA HIS A 214 -10.03 -21.35 12.89
C HIS A 214 -9.16 -21.48 14.15
N THR A 215 -8.36 -22.54 14.20
CA THR A 215 -7.18 -22.69 15.09
C THR A 215 -5.94 -22.74 14.20
N VAL A 216 -4.95 -21.90 14.49
CA VAL A 216 -3.69 -21.77 13.68
C VAL A 216 -2.51 -21.99 14.61
N PRO A 217 -2.07 -23.26 14.80
CA PRO A 217 -1.03 -23.58 15.76
C PRO A 217 0.28 -22.78 15.61
N ALA A 218 0.65 -22.47 14.36
CA ALA A 218 1.89 -21.78 13.96
C ALA A 218 1.93 -20.33 14.49
N LEU A 219 0.79 -19.79 14.95
CA LEU A 219 0.70 -18.44 15.59
C LEU A 219 1.09 -18.47 17.07
N ASP A 220 1.29 -19.64 17.68
CA ASP A 220 1.44 -19.74 19.15
C ASP A 220 2.60 -18.85 19.64
N GLN A 221 2.34 -18.00 20.65
CA GLN A 221 3.30 -17.13 21.36
C GLN A 221 3.87 -16.05 20.44
N CYS A 222 3.14 -15.66 19.40
CA CYS A 222 3.57 -14.60 18.46
C CYS A 222 2.89 -13.28 18.79
N ARG A 223 3.67 -12.20 18.83
CA ARG A 223 3.16 -10.83 18.62
C ARG A 223 2.84 -10.74 17.13
N VAL A 224 1.57 -10.63 16.77
CA VAL A 224 1.13 -10.58 15.34
C VAL A 224 0.87 -9.13 14.98
N VAL A 225 1.41 -8.70 13.84
CA VAL A 225 1.07 -7.38 13.22
C VAL A 225 0.74 -7.63 11.75
N PHE A 226 -0.07 -6.74 11.19
CA PHE A 226 -0.47 -6.76 9.76
C PHE A 226 0.35 -5.72 9.00
N ASN A 227 0.67 -5.99 7.74
CA ASN A 227 1.21 -4.94 6.83
C ASN A 227 0.09 -3.90 6.69
N HIS A 228 0.39 -2.74 6.10
CA HIS A 228 -0.57 -1.61 6.02
C HIS A 228 -1.78 -1.98 5.16
N THR A 229 -1.57 -2.78 4.12
CA THR A 229 -2.64 -3.19 3.17
C THR A 229 -3.52 -4.29 3.78
N GLY A 230 -3.07 -4.96 4.85
CA GLY A 230 -3.84 -6.01 5.56
C GLY A 230 -3.84 -7.33 4.80
N THR A 231 -2.85 -7.59 3.94
CA THR A 231 -2.73 -8.83 3.12
C THR A 231 -1.82 -9.86 3.80
N VAL A 232 -0.91 -9.41 4.67
CA VAL A 232 0.09 -10.31 5.34
C VAL A 232 0.07 -10.07 6.84
N MET A 233 0.10 -11.15 7.62
CA MET A 233 0.28 -11.16 9.09
C MET A 233 1.72 -11.57 9.39
N TYR A 234 2.45 -10.78 10.18
CA TYR A 234 3.85 -11.02 10.59
C TYR A 234 3.84 -11.43 12.07
N GLY A 235 4.44 -12.58 12.39
CA GLY A 235 4.50 -13.10 13.78
C GLY A 235 5.93 -13.38 14.19
N ALA A 236 6.43 -12.67 15.21
CA ALA A 236 7.72 -12.97 15.89
C ALA A 236 7.37 -13.69 17.20
N MET A 237 7.96 -14.86 17.45
CA MET A 237 7.62 -15.68 18.65
C MET A 237 8.41 -15.15 19.85
N LEU A 238 7.74 -15.01 20.99
CA LEU A 238 8.39 -14.81 22.31
C LEU A 238 9.46 -15.89 22.53
N GLN A 239 10.46 -15.62 23.38
CA GLN A 239 11.43 -16.65 23.86
C GLN A 239 11.13 -16.95 25.33
N LYS A 252 17.25 -7.34 27.41
CA LYS A 252 16.96 -8.59 26.66
C LYS A 252 15.70 -8.41 25.80
N SER A 253 15.70 -8.97 24.60
N SER A 253 15.70 -8.98 24.60
CA SER A 253 14.53 -8.97 23.68
CA SER A 253 14.55 -8.99 23.67
C SER A 253 13.51 -9.99 24.16
C SER A 253 13.51 -10.00 24.15
N PRO A 254 12.19 -9.69 24.06
CA PRO A 254 11.18 -10.69 24.36
C PRO A 254 11.17 -11.81 23.31
N PHE A 255 11.74 -11.57 22.12
CA PHE A 255 11.63 -12.48 20.94
C PHE A 255 12.87 -13.32 20.71
N GLY A 256 12.66 -14.45 20.03
CA GLY A 256 13.71 -15.34 19.52
C GLY A 256 14.21 -14.89 18.15
N SER A 257 14.71 -15.84 17.35
CA SER A 257 15.49 -15.57 16.13
C SER A 257 14.63 -15.69 14.87
N SER A 258 13.35 -16.06 15.02
N SER A 258 13.34 -16.04 15.02
CA SER A 258 12.45 -16.37 13.89
CA SER A 258 12.44 -16.40 13.89
C SER A 258 11.31 -15.35 13.82
C SER A 258 11.26 -15.43 13.81
N PHE A 259 10.88 -15.04 12.59
CA PHE A 259 9.57 -14.39 12.32
C PHE A 259 8.89 -15.26 11.26
N ARG A 260 7.57 -15.24 11.30
CA ARG A 260 6.69 -16.03 10.41
C ARG A 260 5.78 -15.04 9.70
N THR A 261 5.46 -15.32 8.44
CA THR A 261 4.41 -14.58 7.69
C THR A 261 3.27 -15.54 7.38
N PHE A 262 2.05 -15.00 7.35
CA PHE A 262 0.81 -15.74 7.04
C PHE A 262 0.00 -14.90 6.06
N ASN A 263 -0.73 -15.57 5.19
CA ASN A 263 -1.74 -14.94 4.32
C ASN A 263 -2.90 -14.47 5.22
N ALA A 264 -3.22 -13.16 5.21
CA ALA A 264 -4.27 -12.57 6.08
C ALA A 264 -5.66 -13.01 5.65
N THR A 265 -5.83 -13.54 4.44
CA THR A 265 -7.16 -13.91 3.90
C THR A 265 -7.52 -15.32 4.37
N ASP A 266 -6.56 -16.25 4.43
CA ASP A 266 -6.85 -17.68 4.74
C ASP A 266 -6.00 -18.19 5.91
N TYR A 267 -5.08 -17.37 6.45
CA TYR A 267 -4.20 -17.70 7.60
C TYR A 267 -3.22 -18.84 7.28
N LYS A 268 -2.99 -19.13 6.01
CA LYS A 268 -2.01 -20.15 5.58
C LYS A 268 -0.62 -19.56 5.75
N PRO A 269 0.36 -20.33 6.30
CA PRO A 269 1.73 -19.85 6.41
C PRO A 269 2.28 -19.52 5.02
N ILE A 270 3.10 -18.48 4.93
CA ILE A 270 3.82 -18.08 3.68
C ILE A 270 5.30 -18.47 3.84
N ALA A 271 5.98 -17.86 4.82
CA ALA A 271 7.44 -18.00 5.04
C ALA A 271 7.72 -18.14 6.54
N THR A 272 8.76 -18.91 6.87
CA THR A 272 9.39 -18.94 8.22
C THR A 272 10.86 -18.54 8.03
N ILE A 273 11.26 -17.41 8.63
CA ILE A 273 12.58 -16.76 8.43
C ILE A 273 13.33 -16.80 9.76
N ASP A 274 14.38 -17.62 9.84
CA ASP A 274 15.29 -17.71 11.02
C ASP A 274 16.52 -16.85 10.73
N VAL A 275 16.72 -15.77 11.50
CA VAL A 275 17.86 -14.84 11.26
C VAL A 275 19.02 -15.25 12.19
N LYS A 276 18.82 -16.30 13.00
CA LYS A 276 19.84 -16.97 13.87
C LYS A 276 20.38 -15.99 14.92
N ARG A 277 19.69 -14.86 15.11
CA ARG A 277 20.03 -13.81 16.11
C ARG A 277 18.70 -13.37 16.73
N ASN A 278 18.71 -12.90 17.97
CA ASN A 278 17.47 -12.43 18.65
C ASN A 278 16.94 -11.19 17.93
N ILE A 279 15.65 -11.18 17.63
CA ILE A 279 14.94 -10.04 17.00
C ILE A 279 14.42 -9.16 18.13
N PHE A 280 14.62 -7.84 18.04
CA PHE A 280 14.07 -6.87 19.02
C PHE A 280 12.75 -6.28 18.51
N ASP A 281 12.61 -6.09 17.20
CA ASP A 281 11.42 -5.42 16.62
C ASP A 281 11.42 -5.64 15.11
N LEU A 282 10.26 -5.49 14.50
CA LEU A 282 10.15 -5.45 13.03
C LEU A 282 9.00 -4.55 12.66
N CYS A 283 9.09 -3.93 11.50
CA CYS A 283 8.05 -3.00 10.99
C CYS A 283 8.11 -2.95 9.46
N THR A 284 7.01 -2.54 8.83
CA THR A 284 6.97 -2.31 7.37
C THR A 284 6.73 -0.82 7.11
N ASP A 285 7.12 -0.39 5.92
CA ASP A 285 6.95 0.99 5.44
C ASP A 285 5.48 1.15 5.03
N THR A 286 5.02 2.39 4.86
N THR A 286 5.05 2.40 4.87
CA THR A 286 3.59 2.68 4.54
CA THR A 286 3.67 2.80 4.49
C THR A 286 3.18 1.94 3.26
C THR A 286 3.22 1.96 3.28
N LYS A 287 4.11 1.77 2.31
CA LYS A 287 3.81 1.13 0.99
C LYS A 287 3.99 -0.40 1.05
N ASP A 288 4.41 -0.95 2.19
CA ASP A 288 4.58 -2.41 2.42
C ASP A 288 5.57 -3.00 1.41
N CYS A 289 6.53 -2.19 0.96
CA CYS A 289 7.60 -2.61 0.02
C CYS A 289 8.80 -3.17 0.80
N TYR A 290 8.94 -2.77 2.07
CA TYR A 290 10.16 -3.03 2.87
C TYR A 290 9.79 -3.59 4.24
N LEU A 291 10.71 -4.39 4.81
CA LEU A 291 10.63 -4.86 6.22
C LEU A 291 11.93 -4.45 6.90
N ALA A 292 11.85 -3.72 8.00
CA ALA A 292 13.01 -3.37 8.85
C ALA A 292 12.97 -4.30 10.06
N VAL A 293 14.11 -4.92 10.38
CA VAL A 293 14.21 -5.84 11.55
C VAL A 293 15.39 -5.37 12.40
N ILE A 294 15.20 -5.27 13.71
CA ILE A 294 16.31 -5.00 14.68
C ILE A 294 16.77 -6.36 15.21
N GLU A 295 18.05 -6.69 15.05
CA GLU A 295 18.62 -8.02 15.38
C GLU A 295 19.86 -7.79 16.22
N ASN A 296 20.09 -8.60 17.26
CA ASN A 296 21.36 -8.51 18.02
C ASN A 296 22.45 -9.28 17.28
N GLN A 297 23.67 -8.74 17.23
CA GLN A 297 24.81 -9.46 16.62
C GLN A 297 25.43 -10.42 17.64
N SER A 299 25.77 -13.70 18.57
CA SER A 299 25.24 -15.08 18.77
C SER A 299 23.84 -15.03 19.41
N MET A 300 23.11 -16.15 19.38
CA MET A 300 21.81 -16.33 20.07
C MET A 300 21.99 -16.10 21.57
N ASP A 301 21.11 -15.27 22.16
CA ASP A 301 21.04 -14.96 23.61
C ASP A 301 22.36 -14.33 24.08
N ALA A 302 23.04 -13.61 23.16
CA ALA A 302 24.24 -12.79 23.43
C ALA A 302 23.95 -11.85 24.61
N LEU A 303 24.81 -11.86 25.64
CA LEU A 303 24.79 -10.89 26.76
C LEU A 303 25.09 -9.49 26.19
N ASN A 304 26.13 -9.41 25.37
CA ASN A 304 26.56 -8.20 24.60
C ASN A 304 25.35 -7.65 23.83
N MET A 305 25.02 -6.38 24.03
CA MET A 305 24.00 -5.62 23.25
C MET A 305 24.73 -4.86 22.14
N ASP A 306 24.57 -5.30 20.89
CA ASP A 306 25.21 -4.65 19.71
C ASP A 306 24.30 -4.89 18.51
N THR A 307 23.19 -4.16 18.46
CA THR A 307 22.12 -4.46 17.47
C THR A 307 22.38 -3.75 16.15
N VAL A 308 21.80 -4.32 15.11
CA VAL A 308 21.74 -3.69 13.78
C VAL A 308 20.28 -3.60 13.37
N CYS A 309 20.02 -2.67 12.48
CA CYS A 309 18.80 -2.64 11.67
C CYS A 309 19.14 -3.26 10.31
N ARG A 310 18.40 -4.29 9.93
CA ARG A 310 18.48 -4.91 8.58
C ARG A 310 17.23 -4.52 7.81
N LEU A 311 17.41 -4.02 6.60
CA LEU A 311 16.29 -3.65 5.71
C LEU A 311 16.17 -4.72 4.63
N TYR A 312 14.99 -5.32 4.51
CA TYR A 312 14.63 -6.28 3.44
C TYR A 312 13.67 -5.60 2.47
N GLU A 313 13.82 -5.85 1.17
CA GLU A 313 12.78 -5.53 0.17
C GLU A 313 11.88 -6.77 0.08
N VAL A 314 10.56 -6.57 0.17
CA VAL A 314 9.58 -7.69 0.22
C VAL A 314 9.09 -7.94 -1.22
N ALA B 4 -2.16 24.56 -13.52
CA ALA B 4 -1.34 25.28 -14.54
C ALA B 4 -0.76 24.28 -15.55
N PHE B 5 -1.36 24.24 -16.75
CA PHE B 5 -0.93 23.38 -17.89
C PHE B 5 -0.63 24.27 -19.10
N ARG B 6 0.67 24.49 -19.35
CA ARG B 6 1.21 25.45 -20.35
C ARG B 6 1.54 24.70 -21.64
N PRO B 7 0.79 24.89 -22.75
CA PRO B 7 1.08 24.16 -23.98
C PRO B 7 2.48 24.53 -24.49
N ILE B 8 3.27 23.52 -24.85
CA ILE B 8 4.69 23.64 -25.29
C ILE B 8 4.75 23.48 -26.82
N SER B 9 4.32 22.31 -27.31
CA SER B 9 4.60 21.82 -28.68
C SER B 9 3.48 20.89 -29.13
N VAL B 10 3.52 20.46 -30.39
CA VAL B 10 2.64 19.40 -30.94
C VAL B 10 3.53 18.37 -31.64
N PHE B 11 3.28 17.09 -31.40
CA PHE B 11 3.75 15.95 -32.25
C PHE B 11 2.62 15.61 -33.22
N ARG B 12 2.94 15.55 -34.51
CA ARG B 12 1.98 15.24 -35.60
C ARG B 12 2.59 14.14 -36.47
N GLU B 13 1.76 13.34 -37.14
CA GLU B 13 2.24 12.28 -38.05
C GLU B 13 2.82 12.95 -39.29
N ALA B 14 4.14 12.82 -39.49
CA ALA B 14 4.86 13.23 -40.72
C ALA B 14 4.32 12.43 -41.90
N ASN B 15 4.22 13.05 -43.07
CA ASN B 15 3.91 12.38 -44.37
C ASN B 15 2.48 11.82 -44.34
N GLU B 16 1.53 12.58 -43.78
CA GLU B 16 0.10 12.18 -43.66
C GLU B 16 -0.76 13.46 -43.66
N ASP B 17 -1.84 13.47 -44.44
CA ASP B 17 -2.81 14.61 -44.53
C ASP B 17 -3.39 14.85 -43.13
N GLU B 18 -3.99 13.82 -42.53
CA GLU B 18 -4.55 13.84 -41.16
C GLU B 18 -3.66 13.00 -40.24
N SER B 19 -3.51 13.42 -38.98
CA SER B 19 -2.84 12.66 -37.90
C SER B 19 -3.82 11.62 -37.34
N GLY B 20 -3.30 10.46 -36.88
CA GLY B 20 -4.12 9.33 -36.41
C GLY B 20 -3.64 8.76 -35.08
N PHE B 21 -3.11 9.58 -34.18
CA PHE B 21 -2.68 9.11 -32.83
C PHE B 21 -3.92 8.68 -32.02
N THR B 22 -3.79 7.58 -31.26
CA THR B 22 -4.88 7.00 -30.44
C THR B 22 -4.46 6.77 -28.99
N CYS B 23 -3.16 6.76 -28.68
CA CYS B 23 -2.70 6.53 -27.29
CA CYS B 23 -2.63 6.36 -27.35
C CYS B 23 -1.26 6.99 -27.15
N CYS B 24 -0.90 7.33 -25.90
CA CYS B 24 0.43 7.93 -25.61
C CYS B 24 1.00 7.33 -24.33
N ALA B 25 2.32 7.17 -24.30
CA ALA B 25 3.10 6.82 -23.09
C ALA B 25 4.53 7.33 -23.26
N PHE B 26 5.10 7.91 -22.20
CA PHE B 26 6.54 8.28 -22.18
C PHE B 26 7.35 6.98 -22.03
N SER B 27 8.51 6.92 -22.67
CA SER B 27 9.50 5.85 -22.47
C SER B 27 9.98 5.92 -21.01
N ALA B 28 10.52 4.81 -20.49
CA ALA B 28 10.92 4.62 -19.08
C ALA B 28 11.76 5.81 -18.58
N ARG B 29 12.74 6.27 -19.38
CA ARG B 29 13.69 7.36 -19.01
C ARG B 29 13.35 8.63 -19.81
N GLU B 30 12.20 8.64 -20.51
CA GLU B 30 11.46 9.86 -20.96
C GLU B 30 12.17 10.58 -22.11
N ARG B 31 13.17 9.97 -22.73
CA ARG B 31 13.82 10.54 -23.95
C ARG B 31 12.83 10.46 -25.12
N PHE B 32 11.91 9.47 -25.10
CA PHE B 32 10.92 9.25 -26.19
C PHE B 32 9.49 9.35 -25.64
N LEU B 33 8.62 9.97 -26.45
CA LEU B 33 7.15 9.82 -26.39
C LEU B 33 6.75 8.70 -27.37
N MET B 34 6.03 7.70 -26.87
CA MET B 34 5.56 6.53 -27.67
C MET B 34 4.09 6.78 -28.01
N LEU B 35 3.77 6.85 -29.29
CA LEU B 35 2.41 7.19 -29.77
C LEU B 35 1.86 6.03 -30.60
N GLY B 36 0.79 5.40 -30.12
CA GLY B 36 0.03 4.41 -30.90
C GLY B 36 -0.84 5.10 -31.93
N THR B 37 -1.12 4.45 -33.08
CA THR B 37 -1.94 5.06 -34.15
C THR B 37 -3.17 4.22 -34.44
N CYS B 38 -4.09 4.80 -35.20
CA CYS B 38 -5.39 4.18 -35.57
C CYS B 38 -5.17 3.02 -36.55
N THR B 39 -3.97 2.83 -37.10
CA THR B 39 -3.64 1.73 -38.06
C THR B 39 -2.73 0.68 -37.39
N GLY B 40 -2.41 0.85 -36.11
CA GLY B 40 -1.68 -0.15 -35.30
C GLY B 40 -0.18 0.04 -35.35
N GLN B 41 0.29 1.23 -35.72
CA GLN B 41 1.73 1.56 -35.68
C GLN B 41 2.07 2.10 -34.28
N LEU B 42 3.28 1.84 -33.83
CA LEU B 42 3.89 2.47 -32.64
C LEU B 42 4.95 3.42 -33.16
N LYS B 43 4.79 4.72 -32.94
CA LYS B 43 5.75 5.74 -33.44
C LYS B 43 6.48 6.33 -32.24
N LEU B 44 7.82 6.35 -32.31
CA LEU B 44 8.71 6.95 -31.28
C LEU B 44 9.07 8.37 -31.72
N TYR B 45 8.82 9.35 -30.85
CA TYR B 45 9.19 10.78 -31.05
C TYR B 45 10.20 11.17 -29.97
N ASN B 46 11.28 11.84 -30.36
CA ASN B 46 12.26 12.45 -29.42
C ASN B 46 11.58 13.67 -28.81
N VAL B 47 11.48 13.73 -27.49
CA VAL B 47 10.75 14.82 -26.77
C VAL B 47 11.48 16.15 -27.01
N PHE B 48 12.82 16.15 -26.99
CA PHE B 48 13.71 17.32 -27.17
C PHE B 48 13.51 17.90 -28.58
N SER B 49 13.78 17.09 -29.61
CA SER B 49 13.88 17.49 -31.03
C SER B 49 12.52 17.45 -31.72
N GLY B 50 11.54 16.74 -31.16
CA GLY B 50 10.18 16.62 -31.70
C GLY B 50 10.10 15.73 -32.95
N GLN B 51 11.20 15.07 -33.31
CA GLN B 51 11.31 14.31 -34.59
C GLN B 51 10.92 12.85 -34.35
N GLU B 52 10.24 12.26 -35.33
CA GLU B 52 9.81 10.83 -35.37
C GLU B 52 11.04 9.97 -35.69
N GLU B 53 11.43 9.09 -34.75
CA GLU B 53 12.68 8.30 -34.78
C GLU B 53 12.43 6.88 -35.31
N ALA B 54 11.19 6.39 -35.26
CA ALA B 54 10.84 5.00 -35.63
C ALA B 54 9.32 4.84 -35.72
N SER B 55 8.85 4.03 -36.68
CA SER B 55 7.44 3.60 -36.80
C SER B 55 7.43 2.06 -36.87
N TYR B 56 6.89 1.40 -35.84
CA TYR B 56 6.89 -0.09 -35.75
C TYR B 56 5.49 -0.63 -36.00
N ASN B 57 5.40 -1.68 -36.79
CA ASN B 57 4.12 -2.38 -37.12
C ASN B 57 3.78 -3.32 -35.96
N CYS B 58 2.91 -2.89 -35.05
CA CYS B 58 2.60 -3.68 -33.83
C CYS B 58 1.30 -4.46 -33.98
N HIS B 59 0.26 -3.84 -34.52
CA HIS B 59 -1.08 -4.46 -34.66
C HIS B 59 -1.71 -4.08 -36.00
N ASN B 60 -2.79 -4.77 -36.36
CA ASN B 60 -3.54 -4.50 -37.61
C ASN B 60 -4.82 -3.71 -37.30
N SER B 61 -4.94 -3.13 -36.12
CA SER B 61 -6.06 -2.22 -35.76
C SER B 61 -5.53 -1.17 -34.78
N ALA B 62 -6.36 -0.17 -34.47
CA ALA B 62 -5.99 1.00 -33.64
C ALA B 62 -5.39 0.53 -32.31
N ILE B 63 -4.24 1.08 -31.93
CA ILE B 63 -3.64 0.87 -30.58
C ILE B 63 -4.55 1.54 -29.56
N THR B 64 -4.92 0.82 -28.50
CA THR B 64 -5.81 1.33 -27.44
C THR B 64 -5.02 1.57 -26.15
N HIS B 65 -3.89 0.90 -25.95
CA HIS B 65 -3.15 0.96 -24.67
C HIS B 65 -1.66 0.70 -24.92
N LEU B 66 -0.80 1.43 -24.21
CA LEU B 66 0.67 1.27 -24.19
C LEU B 66 1.10 1.26 -22.74
N GLU B 67 2.01 0.38 -22.36
CA GLU B 67 2.67 0.47 -21.04
C GLU B 67 4.12 0.04 -21.15
N PRO B 68 5.09 0.97 -20.99
CA PRO B 68 6.49 0.57 -20.89
C PRO B 68 6.82 0.02 -19.50
N SER B 69 7.68 -0.98 -19.43
CA SER B 69 8.23 -1.47 -18.13
C SER B 69 9.16 -0.38 -17.58
N ARG B 70 9.31 -0.31 -16.26
CA ARG B 70 10.10 0.75 -15.57
C ARG B 70 11.57 0.65 -15.96
N ASP B 71 12.09 -0.56 -16.20
CA ASP B 71 13.52 -0.84 -16.48
C ASP B 71 13.85 -0.54 -17.95
N GLY B 72 12.84 -0.28 -18.77
CA GLY B 72 13.01 0.25 -20.14
C GLY B 72 13.16 -0.86 -21.17
N SER B 73 13.05 -2.13 -20.76
CA SER B 73 13.38 -3.33 -21.57
C SER B 73 12.14 -3.92 -22.25
N LEU B 74 10.94 -3.59 -21.78
CA LEU B 74 9.69 -4.23 -22.28
C LEU B 74 8.59 -3.20 -22.52
N LEU B 75 7.66 -3.53 -23.41
CA LEU B 75 6.49 -2.70 -23.70
C LEU B 75 5.27 -3.61 -23.88
N LEU B 76 4.15 -3.26 -23.27
CA LEU B 76 2.85 -3.91 -23.56
C LEU B 76 2.07 -3.02 -24.52
N THR B 77 1.39 -3.66 -25.48
CA THR B 77 0.45 -2.97 -26.40
C THR B 77 -0.88 -3.72 -26.38
N SER B 78 -1.96 -2.99 -26.59
CA SER B 78 -3.30 -3.57 -26.88
C SER B 78 -3.85 -2.82 -28.08
N ALA B 79 -4.66 -3.50 -28.89
CA ALA B 79 -5.33 -2.91 -30.06
C ALA B 79 -6.83 -3.02 -29.89
N THR B 80 -7.59 -3.03 -30.98
CA THR B 80 -9.06 -2.83 -30.95
C THR B 80 -9.74 -4.12 -31.39
N TRP B 81 -9.39 -4.61 -32.58
CA TRP B 81 -10.02 -5.76 -33.27
C TRP B 81 -8.96 -6.80 -33.63
N SER B 82 -9.40 -7.91 -34.18
CA SER B 82 -8.52 -8.90 -34.81
C SER B 82 -7.58 -9.46 -33.74
N GLN B 83 -6.44 -10.00 -34.16
CA GLN B 83 -5.55 -10.83 -33.30
C GLN B 83 -4.10 -10.63 -33.75
N PRO B 84 -3.12 -10.69 -32.82
CA PRO B 84 -3.37 -10.77 -31.38
C PRO B 84 -3.87 -9.42 -30.85
N LEU B 85 -4.77 -9.41 -29.85
CA LEU B 85 -5.33 -8.14 -29.33
C LEU B 85 -4.27 -7.40 -28.51
N SER B 86 -3.39 -8.14 -27.85
CA SER B 86 -2.35 -7.58 -26.96
C SER B 86 -1.03 -8.30 -27.19
N ALA B 87 0.09 -7.64 -26.93
CA ALA B 87 1.42 -8.25 -27.09
C ALA B 87 2.44 -7.61 -26.15
N LEU B 88 3.53 -8.34 -25.93
CA LEU B 88 4.71 -7.91 -25.14
C LEU B 88 5.90 -7.82 -26.12
N TRP B 89 6.58 -6.69 -26.12
CA TRP B 89 7.70 -6.37 -27.05
C TRP B 89 8.97 -6.14 -26.25
N GLY B 90 10.12 -6.60 -26.78
CA GLY B 90 11.46 -6.20 -26.31
C GLY B 90 11.85 -4.84 -26.85
N MET B 91 12.41 -3.98 -25.99
CA MET B 91 12.80 -2.58 -26.31
C MET B 91 14.32 -2.44 -26.41
N LYS B 92 15.09 -3.39 -25.86
CA LYS B 92 16.58 -3.39 -25.84
C LYS B 92 17.12 -3.81 -27.21
N VAL B 94 17.00 -4.80 -30.33
CA VAL B 94 16.06 -4.59 -31.48
C VAL B 94 14.62 -4.69 -30.95
N PHE B 95 13.68 -4.09 -31.67
CA PHE B 95 12.22 -4.12 -31.35
C PHE B 95 11.59 -5.40 -31.91
N ASP B 96 11.26 -6.35 -31.03
CA ASP B 96 10.76 -7.71 -31.38
C ASP B 96 9.55 -8.05 -30.52
N MET B 97 8.66 -8.92 -31.00
CA MET B 97 7.55 -9.48 -30.19
C MET B 97 8.10 -10.62 -29.32
N LYS B 98 7.91 -10.52 -28.01
CA LYS B 98 8.34 -11.55 -27.03
C LYS B 98 7.23 -12.59 -26.87
N HIS B 99 6.00 -12.12 -26.65
CA HIS B 99 4.81 -12.99 -26.44
C HIS B 99 3.58 -12.25 -26.96
N SER B 100 2.56 -13.00 -27.38
CA SER B 100 1.23 -12.44 -27.71
C SER B 100 0.23 -12.89 -26.65
N PHE B 101 -0.79 -12.07 -26.42
CA PHE B 101 -1.95 -12.35 -25.54
C PHE B 101 -3.18 -12.23 -26.45
N THR B 102 -3.42 -13.30 -27.22
CA THR B 102 -4.31 -13.32 -28.41
C THR B 102 -5.69 -12.72 -28.07
N GLU B 103 -6.31 -13.12 -26.96
CA GLU B 103 -7.74 -12.82 -26.68
C GLU B 103 -7.89 -11.71 -25.63
N ASP B 104 -6.81 -11.21 -25.05
CA ASP B 104 -6.91 -10.17 -23.99
C ASP B 104 -6.96 -8.79 -24.63
N HIS B 105 -8.03 -8.01 -24.42
CA HIS B 105 -8.23 -6.68 -25.04
C HIS B 105 -7.50 -5.59 -24.24
N TYR B 106 -6.93 -5.95 -23.09
CA TYR B 106 -6.23 -5.00 -22.20
C TYR B 106 -5.23 -5.81 -21.39
N VAL B 107 -4.02 -5.26 -21.21
CA VAL B 107 -2.92 -5.89 -20.43
C VAL B 107 -2.23 -4.80 -19.62
N GLU B 108 -1.75 -5.15 -18.43
CA GLU B 108 -0.88 -4.30 -17.58
C GLU B 108 0.22 -5.15 -16.98
N PHE B 109 1.33 -4.53 -16.60
CA PHE B 109 2.36 -5.18 -15.78
C PHE B 109 1.88 -5.27 -14.33
N SER B 110 2.38 -6.27 -13.60
CA SER B 110 2.43 -6.25 -12.11
C SER B 110 3.17 -4.96 -11.71
N LYS B 111 3.00 -4.48 -10.46
CA LYS B 111 3.41 -3.12 -10.05
C LYS B 111 4.70 -3.13 -9.23
N HIS B 112 4.83 -4.00 -8.24
CA HIS B 112 5.99 -3.99 -7.31
C HIS B 112 7.24 -4.53 -8.04
N SER B 113 7.20 -5.80 -8.43
CA SER B 113 8.18 -6.42 -9.36
C SER B 113 7.44 -6.76 -10.65
N GLN B 114 7.95 -6.27 -11.78
CA GLN B 114 7.28 -6.39 -13.09
C GLN B 114 7.72 -7.71 -13.73
N ASP B 115 7.35 -8.83 -13.09
CA ASP B 115 7.66 -10.21 -13.55
C ASP B 115 6.42 -10.85 -14.19
N ARG B 116 5.26 -10.18 -14.13
CA ARG B 116 3.98 -10.76 -14.59
C ARG B 116 3.19 -9.70 -15.40
N VAL B 117 2.30 -10.22 -16.22
CA VAL B 117 1.29 -9.44 -17.02
C VAL B 117 -0.08 -9.89 -16.55
N ILE B 118 -1.00 -8.96 -16.34
CA ILE B 118 -2.42 -9.32 -16.14
C ILE B 118 -3.21 -8.84 -17.37
N GLY B 119 -3.93 -9.77 -18.01
CA GLY B 119 -4.78 -9.48 -19.17
C GLY B 119 -6.24 -9.61 -18.83
N THR B 120 -7.09 -8.89 -19.57
CA THR B 120 -8.56 -8.92 -19.42
C THR B 120 -9.18 -9.39 -20.72
N LYS B 121 -10.08 -10.39 -20.62
CA LYS B 121 -10.96 -10.83 -21.72
C LYS B 121 -12.39 -10.82 -21.18
N GLY B 122 -13.18 -9.80 -21.57
CA GLY B 122 -14.51 -9.54 -21.00
C GLY B 122 -14.44 -9.49 -19.48
N ASP B 123 -15.12 -10.41 -18.81
CA ASP B 123 -15.26 -10.46 -17.32
C ASP B 123 -14.10 -11.22 -16.68
N ILE B 124 -13.17 -11.78 -17.46
CA ILE B 124 -12.15 -12.76 -17.00
C ILE B 124 -10.78 -12.07 -16.97
N ALA B 125 -10.01 -12.33 -15.91
CA ALA B 125 -8.61 -11.90 -15.77
C ALA B 125 -7.70 -13.10 -15.97
N HIS B 126 -6.59 -12.92 -16.70
CA HIS B 126 -5.52 -13.92 -16.91
C HIS B 126 -4.21 -13.34 -16.39
N ILE B 127 -3.43 -14.10 -15.63
CA ILE B 127 -2.07 -13.67 -15.19
C ILE B 127 -1.03 -14.54 -15.92
N TYR B 128 -0.04 -13.91 -16.52
CA TYR B 128 1.04 -14.57 -17.32
C TYR B 128 2.41 -14.28 -16.70
N ASP B 129 3.32 -15.24 -16.80
CA ASP B 129 4.76 -15.07 -16.49
C ASP B 129 5.40 -14.35 -17.69
N ILE B 130 6.18 -13.30 -17.45
CA ILE B 130 6.81 -12.48 -18.53
C ILE B 130 7.79 -13.37 -19.30
N GLN B 131 8.61 -14.13 -18.57
CA GLN B 131 9.74 -14.92 -19.15
C GLN B 131 9.19 -15.95 -20.15
N THR B 132 8.29 -16.83 -19.70
CA THR B 132 7.75 -17.97 -20.47
C THR B 132 6.56 -17.55 -21.32
N GLY B 133 5.81 -16.52 -20.89
CA GLY B 133 4.52 -16.14 -21.50
C GLY B 133 3.40 -17.09 -21.09
N ASN B 134 3.68 -18.09 -20.25
CA ASN B 134 2.69 -19.11 -19.81
C ASN B 134 1.63 -18.44 -18.93
N LYS B 135 0.38 -18.91 -19.06
CA LYS B 135 -0.76 -18.49 -18.21
C LYS B 135 -0.64 -19.21 -16.87
N LEU B 136 -0.49 -18.43 -15.79
CA LEU B 136 -0.29 -18.90 -14.39
C LEU B 136 -1.63 -19.04 -13.67
N LEU B 137 -2.59 -18.17 -13.97
CA LEU B 137 -3.88 -18.06 -13.23
C LEU B 137 -4.97 -17.50 -14.14
N THR B 138 -6.19 -18.00 -13.99
CA THR B 138 -7.44 -17.42 -14.53
C THR B 138 -8.31 -17.04 -13.34
N LEU B 139 -8.70 -15.77 -13.22
CA LEU B 139 -9.54 -15.28 -12.11
C LEU B 139 -10.91 -14.94 -12.68
N PHE B 140 -11.92 -15.72 -12.34
CA PHE B 140 -13.33 -15.48 -12.71
C PHE B 140 -14.21 -16.27 -11.75
N ASN B 141 -15.12 -15.59 -11.07
CA ASN B 141 -16.12 -16.22 -10.16
C ASN B 141 -17.48 -15.80 -10.68
N PRO B 142 -18.22 -16.71 -11.35
CA PRO B 142 -19.48 -16.35 -11.99
C PRO B 142 -20.55 -15.90 -10.98
N ASP B 143 -20.42 -16.33 -9.71
CA ASP B 143 -21.30 -15.93 -8.58
C ASP B 143 -21.19 -14.40 -8.36
N LEU B 144 -20.04 -13.80 -8.67
CA LEU B 144 -19.67 -12.44 -8.20
C LEU B 144 -19.55 -11.44 -9.36
N ALA B 145 -19.72 -11.85 -10.62
CA ALA B 145 -19.46 -11.02 -11.81
C ALA B 145 -20.36 -9.77 -11.80
N ASN B 146 -19.81 -8.62 -12.18
CA ASN B 146 -20.55 -7.35 -12.37
C ASN B 146 -20.79 -7.09 -13.86
N ASN B 147 -20.04 -7.75 -14.74
CA ASN B 147 -20.18 -7.66 -16.21
C ASN B 147 -19.94 -6.20 -16.67
N TYR B 148 -18.96 -5.50 -16.09
CA TYR B 148 -18.61 -4.11 -16.48
C TYR B 148 -18.17 -4.10 -17.95
N LYS B 149 -18.71 -3.15 -18.73
CA LYS B 149 -18.47 -3.10 -20.21
C LYS B 149 -17.03 -2.67 -20.51
N ARG B 150 -16.37 -1.94 -19.61
CA ARG B 150 -14.96 -1.50 -19.81
C ARG B 150 -14.09 -2.13 -18.72
N ASN B 151 -14.35 -3.39 -18.37
CA ASN B 151 -13.59 -4.11 -17.33
C ASN B 151 -12.11 -4.10 -17.71
N CYS B 152 -11.24 -3.73 -16.77
CA CYS B 152 -9.77 -3.76 -16.92
C CYS B 152 -9.21 -4.30 -15.60
N ALA B 153 -8.78 -5.56 -15.59
CA ALA B 153 -8.18 -6.19 -14.37
C ALA B 153 -6.83 -5.54 -14.08
N THR B 154 -6.50 -5.41 -12.81
CA THR B 154 -5.30 -4.68 -12.34
C THR B 154 -4.80 -5.32 -11.05
N PHE B 155 -3.48 -5.34 -10.87
CA PHE B 155 -2.81 -5.65 -9.59
C PHE B 155 -2.85 -4.42 -8.65
N ASN B 156 -2.83 -4.68 -7.35
CA ASN B 156 -2.56 -3.61 -6.35
C ASN B 156 -1.04 -3.36 -6.31
N PRO B 157 -0.59 -2.28 -5.64
CA PRO B 157 0.81 -1.90 -5.61
C PRO B 157 1.75 -3.01 -5.12
N THR B 158 1.28 -3.93 -4.30
CA THR B 158 2.11 -5.02 -3.68
C THR B 158 2.03 -6.31 -4.51
N ASP B 159 1.14 -6.36 -5.52
CA ASP B 159 0.92 -7.55 -6.40
C ASP B 159 0.25 -8.71 -5.64
N ASP B 160 -0.21 -8.50 -4.41
CA ASP B 160 -0.90 -9.54 -3.58
C ASP B 160 -2.35 -9.66 -3.97
N LEU B 161 -2.94 -8.57 -4.49
CA LEU B 161 -4.38 -8.51 -4.78
C LEU B 161 -4.59 -8.14 -6.25
N VAL B 162 -5.74 -8.54 -6.75
CA VAL B 162 -6.22 -8.14 -8.10
C VAL B 162 -7.64 -7.59 -7.95
N LEU B 163 -7.94 -6.54 -8.70
CA LEU B 163 -9.33 -6.09 -8.90
C LEU B 163 -9.70 -6.50 -10.31
N ASN B 164 -10.76 -7.28 -10.45
CA ASN B 164 -11.28 -7.72 -11.76
C ASN B 164 -12.80 -7.65 -11.72
N ASP B 165 -13.40 -6.85 -12.61
CA ASP B 165 -14.86 -6.71 -12.73
C ASP B 165 -15.51 -6.31 -11.38
N GLY B 166 -14.82 -5.50 -10.58
CA GLY B 166 -15.34 -5.00 -9.30
C GLY B 166 -15.21 -6.03 -8.19
N VAL B 167 -14.49 -7.13 -8.45
CA VAL B 167 -14.24 -8.19 -7.44
C VAL B 167 -12.78 -8.11 -7.00
N LEU B 168 -12.55 -8.14 -5.69
CA LEU B 168 -11.19 -8.15 -5.10
C LEU B 168 -10.76 -9.59 -4.88
N TRP B 169 -9.60 -9.97 -5.43
CA TRP B 169 -9.02 -11.33 -5.38
C TRP B 169 -7.75 -11.34 -4.55
N ASP B 170 -7.57 -12.40 -3.76
CA ASP B 170 -6.26 -12.76 -3.18
C ASP B 170 -5.50 -13.58 -4.21
N VAL B 171 -4.38 -13.07 -4.72
CA VAL B 171 -3.61 -13.72 -5.82
C VAL B 171 -3.00 -15.03 -5.31
N ARG B 172 -2.48 -15.03 -4.09
CA ARG B 172 -1.74 -16.20 -3.53
C ARG B 172 -2.67 -17.42 -3.44
N SER B 173 -3.91 -17.24 -3.02
CA SER B 173 -4.90 -18.34 -2.84
C SER B 173 -5.79 -18.46 -4.07
N ALA B 174 -5.75 -17.47 -4.97
CA ALA B 174 -6.62 -17.36 -6.18
C ALA B 174 -8.10 -17.48 -5.80
N GLN B 175 -8.49 -16.85 -4.68
CA GLN B 175 -9.89 -16.83 -4.19
C GLN B 175 -10.37 -15.38 -4.13
N ALA B 176 -11.64 -15.16 -4.44
CA ALA B 176 -12.33 -13.86 -4.30
C ALA B 176 -12.44 -13.51 -2.81
N ILE B 177 -12.03 -12.30 -2.42
CA ILE B 177 -12.14 -11.76 -1.04
C ILE B 177 -13.48 -11.04 -0.88
N HIS B 178 -13.87 -10.24 -1.86
CA HIS B 178 -15.05 -9.34 -1.74
C HIS B 178 -15.54 -8.90 -3.12
N LYS B 179 -16.85 -8.86 -3.31
CA LYS B 179 -17.49 -8.24 -4.48
C LYS B 179 -17.96 -6.85 -4.10
N PHE B 180 -17.43 -5.81 -4.75
CA PHE B 180 -17.96 -4.43 -4.62
C PHE B 180 -19.22 -4.33 -5.49
N ASP B 181 -20.29 -3.78 -4.93
CA ASP B 181 -21.60 -3.71 -5.62
C ASP B 181 -21.54 -2.72 -6.80
N LYS B 182 -22.38 -2.99 -7.78
CA LYS B 182 -22.40 -2.32 -9.10
C LYS B 182 -23.27 -1.07 -8.99
N PHE B 183 -22.74 0.09 -9.39
CA PHE B 183 -23.51 1.38 -9.46
C PHE B 183 -23.31 2.11 -10.79
N ASN B 184 -22.70 1.45 -11.78
CA ASN B 184 -22.55 1.98 -13.16
C ASN B 184 -22.34 0.77 -14.09
N MET B 185 -22.43 0.97 -15.40
CA MET B 185 -22.42 -0.15 -16.38
C MET B 185 -21.01 -0.37 -16.95
N ASN B 186 -20.07 0.57 -16.81
CA ASN B 186 -18.83 0.60 -17.62
C ASN B 186 -17.55 0.41 -16.78
N ILE B 187 -17.35 1.25 -15.78
CA ILE B 187 -16.03 1.45 -15.08
C ILE B 187 -15.89 0.41 -13.97
N SER B 188 -14.82 -0.39 -14.00
CA SER B 188 -14.58 -1.53 -13.06
C SER B 188 -13.68 -1.10 -11.90
N GLY B 189 -12.83 -0.10 -12.10
CA GLY B 189 -12.08 0.54 -10.99
C GLY B 189 -10.59 0.22 -10.98
N VAL B 190 -9.89 0.92 -10.08
CA VAL B 190 -8.41 0.87 -9.90
C VAL B 190 -8.12 0.91 -8.41
N PHE B 191 -6.92 0.47 -8.04
CA PHE B 191 -6.37 0.73 -6.68
C PHE B 191 -5.79 2.14 -6.65
N HIS B 192 -6.03 2.83 -5.54
CA HIS B 192 -5.25 4.05 -5.15
C HIS B 192 -3.80 3.63 -4.96
N PRO B 193 -2.83 4.38 -5.51
CA PRO B 193 -1.41 4.07 -5.29
C PRO B 193 -1.02 3.99 -3.81
N ASN B 194 -1.86 4.56 -2.92
CA ASN B 194 -1.64 4.55 -1.45
C ASN B 194 -1.88 3.13 -0.90
N GLY B 195 -2.50 2.25 -1.69
CA GLY B 195 -2.69 0.83 -1.31
C GLY B 195 -3.86 0.59 -0.37
N LEU B 196 -4.57 1.64 0.11
CA LEU B 196 -5.59 1.51 1.17
C LEU B 196 -7.01 1.69 0.64
N GLU B 197 -7.17 2.14 -0.61
CA GLU B 197 -8.49 2.54 -1.15
C GLU B 197 -8.67 1.92 -2.53
N VAL B 198 -9.91 1.57 -2.84
CA VAL B 198 -10.34 1.06 -4.16
C VAL B 198 -11.26 2.13 -4.75
N ILE B 199 -10.97 2.58 -5.97
CA ILE B 199 -11.70 3.69 -6.64
C ILE B 199 -12.49 3.08 -7.79
N ILE B 200 -13.82 2.98 -7.65
CA ILE B 200 -14.67 2.35 -8.68
C ILE B 200 -15.69 3.40 -9.13
N ASN B 201 -15.37 4.05 -10.25
CA ASN B 201 -16.22 5.14 -10.77
C ASN B 201 -16.32 6.21 -9.69
N THR B 202 -17.52 6.54 -9.19
CA THR B 202 -17.71 7.63 -8.20
C THR B 202 -17.52 7.13 -6.77
N GLU B 203 -17.33 5.82 -6.55
CA GLU B 203 -17.26 5.23 -5.19
C GLU B 203 -15.81 5.02 -4.75
N ILE B 204 -15.46 5.55 -3.58
CA ILE B 204 -14.15 5.26 -2.93
C ILE B 204 -14.40 4.27 -1.80
N TRP B 205 -13.84 3.07 -1.90
CA TRP B 205 -14.05 1.99 -0.90
C TRP B 205 -12.78 1.80 -0.08
N ASP B 206 -12.95 1.50 1.20
CA ASP B 206 -11.86 1.08 2.10
C ASP B 206 -11.44 -0.34 1.67
N LEU B 207 -10.17 -0.54 1.31
CA LEU B 207 -9.68 -1.85 0.84
C LEU B 207 -9.81 -2.91 1.95
N ARG B 208 -9.64 -2.53 3.22
CA ARG B 208 -9.55 -3.51 4.33
C ARG B 208 -10.93 -3.87 4.89
N THR B 209 -11.79 -2.88 5.12
CA THR B 209 -13.13 -3.12 5.73
C THR B 209 -14.23 -3.18 4.67
N PHE B 210 -13.98 -2.66 3.46
CA PHE B 210 -14.94 -2.62 2.31
C PHE B 210 -16.03 -1.56 2.53
N HIS B 211 -15.98 -0.76 3.59
CA HIS B 211 -16.97 0.32 3.78
C HIS B 211 -16.75 1.42 2.74
N LEU B 212 -17.82 2.10 2.36
CA LEU B 212 -17.73 3.33 1.53
C LEU B 212 -17.03 4.42 2.34
N LEU B 213 -16.04 5.07 1.75
CA LEU B 213 -15.29 6.20 2.36
C LEU B 213 -15.78 7.53 1.78
N HIS B 214 -15.94 7.61 0.46
CA HIS B 214 -16.28 8.88 -0.25
C HIS B 214 -17.10 8.59 -1.49
N THR B 215 -17.88 9.60 -1.89
CA THR B 215 -18.54 9.72 -3.20
C THR B 215 -17.86 10.88 -3.91
N VAL B 216 -17.45 10.67 -5.16
CA VAL B 216 -16.74 11.70 -5.96
C VAL B 216 -17.48 11.83 -7.29
N PRO B 217 -18.55 12.63 -7.35
CA PRO B 217 -19.40 12.67 -8.54
C PRO B 217 -18.63 13.02 -9.82
N ALA B 218 -17.58 13.84 -9.72
CA ALA B 218 -16.82 14.35 -10.89
C ALA B 218 -16.06 13.21 -11.56
N LEU B 219 -15.90 12.05 -10.91
CA LEU B 219 -15.19 10.88 -11.50
C LEU B 219 -16.12 10.04 -12.39
N ASP B 220 -17.41 10.35 -12.49
CA ASP B 220 -18.38 9.50 -13.23
C ASP B 220 -17.87 9.29 -14.67
N GLN B 221 -17.75 8.02 -15.08
CA GLN B 221 -17.35 7.57 -16.43
C GLN B 221 -15.96 8.11 -16.83
N CYS B 222 -15.07 8.36 -15.87
CA CYS B 222 -13.69 8.82 -16.13
C CYS B 222 -12.70 7.66 -16.17
N ARG B 223 -11.76 7.74 -17.12
CA ARG B 223 -10.43 7.09 -17.03
C ARG B 223 -9.62 7.90 -16.02
N VAL B 224 -8.99 7.21 -15.07
CA VAL B 224 -8.25 7.82 -13.94
C VAL B 224 -6.77 7.43 -14.07
N VAL B 225 -5.86 8.40 -14.11
CA VAL B 225 -4.41 8.13 -14.01
C VAL B 225 -3.83 9.00 -12.88
N PHE B 226 -2.81 8.49 -12.20
CA PHE B 226 -2.11 9.19 -11.09
C PHE B 226 -0.76 9.69 -11.58
N ASN B 227 -0.27 10.77 -10.97
CA ASN B 227 1.14 11.20 -11.12
C ASN B 227 2.01 10.15 -10.42
N HIS B 228 3.32 10.16 -10.70
CA HIS B 228 4.23 9.05 -10.28
C HIS B 228 4.41 9.05 -8.76
N THR B 229 4.16 10.17 -8.07
CA THR B 229 4.21 10.27 -6.59
C THR B 229 2.82 9.95 -6.00
N GLY B 230 1.79 9.86 -6.84
CA GLY B 230 0.42 9.52 -6.41
C GLY B 230 -0.20 10.60 -5.53
N THR B 231 0.16 11.86 -5.72
CA THR B 231 -0.42 13.02 -4.98
C THR B 231 -1.54 13.68 -5.82
N VAL B 232 -1.56 13.44 -7.13
CA VAL B 232 -2.55 14.06 -8.05
C VAL B 232 -3.18 12.95 -8.88
N MET B 233 -4.50 13.02 -9.01
CA MET B 233 -5.33 12.12 -9.86
C MET B 233 -5.86 12.92 -11.05
N TYR B 234 -5.70 12.40 -12.27
CA TYR B 234 -6.30 12.97 -13.51
C TYR B 234 -7.53 12.14 -13.89
N GLY B 235 -8.60 12.81 -14.29
CA GLY B 235 -9.82 12.16 -14.79
C GLY B 235 -10.27 12.79 -16.10
N ALA B 236 -10.45 11.97 -17.13
CA ALA B 236 -11.00 12.37 -18.45
C ALA B 236 -12.22 11.51 -18.74
N MET B 237 -13.36 12.14 -19.01
CA MET B 237 -14.71 11.51 -18.99
C MET B 237 -14.99 10.87 -20.35
N LEU B 238 -15.39 9.60 -20.35
CA LEU B 238 -15.79 8.83 -21.55
C LEU B 238 -17.01 9.48 -22.22
N GLN B 239 -17.04 9.51 -23.56
CA GLN B 239 -18.24 9.89 -24.36
C GLN B 239 -19.21 8.70 -24.37
N LYS B 252 -13.87 6.71 -33.15
CA LYS B 252 -14.66 7.51 -32.18
C LYS B 252 -13.76 7.85 -30.97
N SER B 253 -13.82 9.10 -30.50
CA SER B 253 -13.01 9.64 -29.38
C SER B 253 -13.48 9.04 -28.05
N PRO B 254 -12.64 8.26 -27.34
CA PRO B 254 -13.01 7.70 -26.04
C PRO B 254 -13.55 8.74 -25.04
N PHE B 255 -12.99 9.96 -25.03
CA PHE B 255 -13.29 11.02 -24.04
C PHE B 255 -13.73 12.32 -24.72
N GLY B 256 -14.08 13.32 -23.91
CA GLY B 256 -14.55 14.67 -24.31
C GLY B 256 -13.41 15.68 -24.34
N SER B 257 -13.73 16.98 -24.22
CA SER B 257 -12.83 18.11 -24.54
C SER B 257 -12.14 18.67 -23.28
N SER B 258 -12.37 18.07 -22.11
CA SER B 258 -11.79 18.52 -20.82
C SER B 258 -11.31 17.32 -20.00
N PHE B 259 -10.29 17.55 -19.18
CA PHE B 259 -9.88 16.63 -18.08
C PHE B 259 -9.90 17.42 -16.79
N ARG B 260 -9.96 16.72 -15.66
CA ARG B 260 -10.02 17.30 -14.31
C ARG B 260 -8.88 16.71 -13.48
N THR B 261 -8.26 17.54 -12.64
CA THR B 261 -7.22 17.11 -11.67
C THR B 261 -7.86 17.12 -10.28
N PHE B 262 -7.46 16.17 -9.45
CA PHE B 262 -7.94 16.00 -8.05
C PHE B 262 -6.75 15.78 -7.14
N ASN B 263 -6.84 16.32 -5.92
CA ASN B 263 -5.93 15.99 -4.80
C ASN B 263 -6.17 14.52 -4.46
N ALA B 264 -5.15 13.66 -4.53
CA ALA B 264 -5.30 12.20 -4.36
C ALA B 264 -5.52 11.86 -2.88
N THR B 265 -5.22 12.78 -1.97
CA THR B 265 -5.38 12.57 -0.50
C THR B 265 -6.85 12.74 -0.12
N ASP B 266 -7.53 13.79 -0.61
CA ASP B 266 -8.89 14.15 -0.15
C ASP B 266 -9.92 14.10 -1.28
N TYR B 267 -9.51 13.84 -2.52
CA TYR B 267 -10.40 13.68 -3.70
C TYR B 267 -11.05 15.00 -4.11
N LYS B 268 -10.51 16.14 -3.67
CA LYS B 268 -11.08 17.46 -4.05
C LYS B 268 -10.46 17.92 -5.36
N PRO B 269 -11.27 18.44 -6.32
CA PRO B 269 -10.74 19.01 -7.56
C PRO B 269 -9.63 20.05 -7.34
N ILE B 270 -8.68 20.11 -8.26
CA ILE B 270 -7.60 21.14 -8.31
C ILE B 270 -7.87 22.06 -9.51
N ALA B 271 -8.14 21.49 -10.69
CA ALA B 271 -8.39 22.24 -11.94
C ALA B 271 -9.34 21.46 -12.86
N THR B 272 -10.16 22.18 -13.62
CA THR B 272 -10.81 21.71 -14.86
C THR B 272 -10.07 22.40 -16.02
N ILE B 273 -9.43 21.61 -16.89
CA ILE B 273 -8.67 22.10 -18.07
C ILE B 273 -9.50 21.79 -19.32
N ASP B 274 -9.98 22.83 -20.00
CA ASP B 274 -10.71 22.72 -21.29
C ASP B 274 -9.69 22.99 -22.41
N VAL B 275 -9.34 21.96 -23.18
CA VAL B 275 -8.40 22.07 -24.34
C VAL B 275 -9.20 22.38 -25.61
N LYS B 276 -10.54 22.35 -25.52
CA LYS B 276 -11.50 22.79 -26.57
C LYS B 276 -11.50 21.78 -27.74
N ARG B 277 -10.92 20.60 -27.55
CA ARG B 277 -10.82 19.51 -28.56
C ARG B 277 -11.00 18.17 -27.84
N ASN B 278 -11.62 17.19 -28.50
CA ASN B 278 -11.88 15.84 -27.94
C ASN B 278 -10.55 15.18 -27.58
N ILE B 279 -10.47 14.60 -26.36
CA ILE B 279 -9.28 13.91 -25.81
C ILE B 279 -9.40 12.41 -26.08
N PHE B 280 -8.35 11.81 -26.66
CA PHE B 280 -8.26 10.35 -26.97
C PHE B 280 -7.53 9.62 -25.85
N ASP B 281 -6.53 10.27 -25.22
CA ASP B 281 -5.68 9.67 -24.18
C ASP B 281 -4.84 10.77 -23.53
N LEU B 282 -4.32 10.50 -22.34
CA LEU B 282 -3.33 11.38 -21.69
C LEU B 282 -2.41 10.53 -20.82
N CYS B 283 -1.18 10.98 -20.63
CA CYS B 283 -0.17 10.30 -19.78
C CYS B 283 0.75 11.37 -19.19
N THR B 284 1.42 11.04 -18.08
CA THR B 284 2.50 11.87 -17.47
C THR B 284 3.83 11.13 -17.59
N ASP B 285 4.93 11.89 -17.66
CA ASP B 285 6.32 11.39 -17.59
C ASP B 285 6.64 11.03 -16.13
N THR B 286 7.74 10.32 -15.91
CA THR B 286 8.14 9.78 -14.58
C THR B 286 8.42 10.92 -13.60
N LYS B 287 8.88 12.08 -14.09
CA LYS B 287 9.31 13.23 -13.24
C LYS B 287 8.15 14.22 -13.02
N ASP B 288 7.00 13.98 -13.66
CA ASP B 288 5.73 14.76 -13.50
C ASP B 288 5.94 16.20 -13.96
N CYS B 289 6.82 16.41 -14.95
CA CYS B 289 7.14 17.72 -15.56
C CYS B 289 6.27 17.96 -16.80
N TYR B 290 5.75 16.89 -17.43
CA TYR B 290 5.05 16.94 -18.73
C TYR B 290 3.69 16.23 -18.65
N LEU B 291 2.74 16.73 -19.42
CA LEU B 291 1.47 16.03 -19.74
C LEU B 291 1.35 15.98 -21.26
N ALA B 292 1.24 14.76 -21.81
CA ALA B 292 0.95 14.51 -23.23
C ALA B 292 -0.54 14.23 -23.35
N VAL B 293 -1.20 14.89 -24.27
CA VAL B 293 -2.67 14.70 -24.52
C VAL B 293 -2.87 14.51 -26.02
N ILE B 294 -3.58 13.45 -26.39
CA ILE B 294 -4.02 13.24 -27.80
C ILE B 294 -5.32 14.02 -27.97
N GLU B 295 -5.32 15.01 -28.87
CA GLU B 295 -6.42 15.97 -29.10
C GLU B 295 -6.82 15.92 -30.57
N ASN B 296 -8.12 15.81 -30.87
CA ASN B 296 -8.65 15.80 -32.26
C ASN B 296 -8.74 17.25 -32.78
N GLN B 297 -7.81 17.63 -33.66
CA GLN B 297 -7.76 18.96 -34.35
C GLN B 297 -8.93 19.12 -35.31
N GLY B 298 -9.47 18.01 -35.84
CA GLY B 298 -10.57 18.00 -36.84
C GLY B 298 -11.94 18.14 -36.19
N SER B 299 -13.01 17.82 -36.94
CA SER B 299 -14.43 17.93 -36.52
C SER B 299 -15.22 16.73 -37.06
N MET B 305 -10.59 11.54 -38.40
CA MET B 305 -9.91 12.19 -37.23
C MET B 305 -8.67 12.94 -37.73
N ASP B 306 -8.30 14.03 -37.05
CA ASP B 306 -6.94 14.64 -37.11
C ASP B 306 -6.43 14.72 -35.66
N THR B 307 -6.00 13.58 -35.11
CA THR B 307 -5.64 13.42 -33.68
C THR B 307 -4.14 13.65 -33.53
N VAL B 308 -3.76 14.83 -33.05
CA VAL B 308 -2.34 15.21 -32.78
C VAL B 308 -2.04 14.99 -31.30
N CYS B 309 -0.78 15.04 -30.93
CA CYS B 309 -0.35 14.94 -29.51
C CYS B 309 0.26 16.27 -29.07
N ARG B 310 -0.49 17.02 -28.27
CA ARG B 310 -0.02 18.32 -27.73
C ARG B 310 0.67 18.07 -26.39
N LEU B 311 1.86 18.65 -26.22
CA LEU B 311 2.69 18.53 -24.99
C LEU B 311 2.50 19.79 -24.13
N TYR B 312 2.26 19.59 -22.84
CA TYR B 312 1.97 20.66 -21.84
C TYR B 312 3.00 20.58 -20.71
N GLU B 313 3.48 21.74 -20.23
CA GLU B 313 4.31 21.84 -18.99
C GLU B 313 3.37 21.76 -17.78
N VAL B 314 3.75 20.96 -16.77
CA VAL B 314 2.99 20.78 -15.50
C VAL B 314 3.61 21.67 -14.41
N GLY B 315 3.05 22.87 -14.21
CA GLY B 315 3.51 23.84 -13.19
F B1I C . 4.60 -10.82 23.29
C9 B1I C . 4.19 -9.57 23.00
C8 B1I C . 2.87 -9.37 22.71
C7 B1I C . 2.46 -8.07 22.41
C6 B1I C . 3.37 -7.03 22.40
C10 B1I C . 5.12 -8.56 23.01
C5 B1I C . 4.71 -7.26 22.70
N B1I C . 5.65 -6.19 22.68
C4 B1I C . 5.11 -4.83 22.56
C B1I C . 6.18 -3.84 22.12
C3 B1I C . 6.78 -6.26 23.62
C2 B1I C . 7.89 -5.32 23.17
C1 B1I C . 7.37 -3.91 23.05
N1 B1I C . 9.00 -5.38 24.11
C11 B1I C . 10.28 -4.96 23.84
N3 B1I C . 10.58 -4.68 22.56
C14 B1I C . 11.85 -4.34 22.34
N2 B1I C . 12.85 -4.23 23.21
C13 B1I C . 12.53 -4.51 24.50
C12 B1I C . 11.22 -4.88 24.87
N4 B1I C . 13.53 -4.34 25.44
C18 B1I C . 14.54 -3.28 25.24
C17 B1I C . 15.76 -3.56 26.08
O B1I C . 15.43 -3.68 27.46
C16 B1I C . 14.50 -4.74 27.64
C15 B1I C . 13.24 -4.52 26.87
#